data_3WL9
#
_entry.id   3WL9
#
_cell.length_a   66.576
_cell.length_b   78.414
_cell.length_c   87.278
_cell.angle_alpha   90.000
_cell.angle_beta   90.000
_cell.angle_gamma   90.000
#
_symmetry.space_group_name_H-M   'P 21 21 21'
#
loop_
_entity.id
_entity.type
_entity.pdbx_description
1 polymer 'HLA class I histocompatibility antigen, A-24 alpha chain'
2 polymer Beta-2-microglobulin
3 polymer 'Protein Nef'
4 water water
#
loop_
_entity_poly.entity_id
_entity_poly.type
_entity_poly.pdbx_seq_one_letter_code
_entity_poly.pdbx_strand_id
1 'polypeptide(L)'
;MGSHSMRYFSTSVSRPGRGEPRFIAVGYVDDTQFVRFDSDAASQRMEPRAPWIEQEGPEYWDEETGKVKAHSQTDRENLR
IALRYYNQSEAGSHTLQMMFGCDVGSDGRFLRGYHQYAYDGKDYIALKEDLRSWTAADMAAQITKRKWEAAHVAEQQRAY
LEGTCVDGLRRYLENGKETLQRTDPPKTHMTHHPISDHEATLRCWALGFYPAEITLTWQRDGEDQTQDTELVETRPAGDG
TFQKWAAVVVPSGEEQRYTCHVQHEGLPKPLTLRW
;
A
2 'polypeptide(L)'
;MIQRTPKIQVYSRHPAENGKSNFLNCYVSGFHPSDIEVDLLKNGERIEKVEHSDLSFSKDWSFYLLYYTEFTPTEKDEYA
CRVNHVTLSQPKIVKWDRDM
;
B
3 'polypeptide(L)' NYTPGPGIRF C
#
# COMPACT_ATOMS: atom_id res chain seq x y z
N GLY A 2 -16.24 -13.60 -2.35
CA GLY A 2 -16.98 -12.40 -1.83
C GLY A 2 -16.78 -11.19 -2.72
N SER A 3 -16.69 -10.02 -2.11
CA SER A 3 -16.48 -8.76 -2.83
C SER A 3 -15.05 -8.60 -3.36
N HIS A 4 -14.90 -7.77 -4.40
CA HIS A 4 -13.60 -7.52 -5.03
C HIS A 4 -13.46 -6.08 -5.45
N SER A 5 -12.21 -5.64 -5.55
CA SER A 5 -11.91 -4.26 -5.89
C SER A 5 -10.83 -4.19 -6.95
N MET A 6 -10.91 -3.15 -7.76
CA MET A 6 -9.81 -2.75 -8.63
C MET A 6 -9.47 -1.31 -8.32
N ARG A 7 -8.19 -1.03 -8.18
CA ARG A 7 -7.72 0.31 -7.86
C ARG A 7 -6.48 0.66 -8.64
N TYR A 8 -6.42 1.89 -9.11
CA TYR A 8 -5.17 2.45 -9.63
C TYR A 8 -4.76 3.57 -8.70
N PHE A 9 -3.48 3.64 -8.38
CA PHE A 9 -2.92 4.68 -7.50
C PHE A 9 -1.81 5.38 -8.27
N SER A 10 -1.91 6.70 -8.40
CA SER A 10 -0.87 7.45 -9.10
C SER A 10 -0.25 8.50 -8.19
N THR A 11 1.03 8.73 -8.40
CA THR A 11 1.80 9.70 -7.62
C THR A 11 2.63 10.54 -8.56
N SER A 12 2.46 11.87 -8.51
CA SER A 12 3.32 12.79 -9.28
C SER A 12 4.07 13.66 -8.31
N VAL A 13 5.39 13.71 -8.48
CA VAL A 13 6.25 14.49 -7.58
C VAL A 13 7.10 15.41 -8.41
N SER A 14 6.98 16.72 -8.15
CA SER A 14 7.79 17.69 -8.86
C SER A 14 9.19 17.70 -8.28
N ARG A 15 10.15 18.12 -9.10
CA ARG A 15 11.54 18.18 -8.67
C ARG A 15 12.21 19.42 -9.26
N PRO A 16 11.93 20.59 -8.67
CA PRO A 16 12.41 21.89 -9.14
C PRO A 16 13.92 21.88 -9.37
N GLY A 17 14.34 22.30 -10.55
CA GLY A 17 15.78 22.31 -10.91
C GLY A 17 16.31 20.97 -11.39
N ARG A 18 15.46 19.95 -11.38
CA ARG A 18 15.88 18.61 -11.79
C ARG A 18 14.92 18.01 -12.82
N GLY A 19 14.42 18.86 -13.71
CA GLY A 19 13.56 18.41 -14.79
C GLY A 19 12.10 18.28 -14.37
N GLU A 20 11.35 17.55 -15.19
CA GLU A 20 9.90 17.43 -15.06
C GLU A 20 9.50 16.47 -13.95
N PRO A 21 8.25 16.58 -13.44
CA PRO A 21 7.84 15.69 -12.34
C PRO A 21 7.91 14.21 -12.69
N ARG A 22 8.22 13.38 -11.70
CA ARG A 22 8.14 11.93 -11.90
C ARG A 22 6.72 11.47 -11.65
N PHE A 23 6.22 10.58 -12.52
CA PHE A 23 4.88 10.03 -12.39
C PHE A 23 4.97 8.52 -12.31
N ILE A 24 4.35 7.95 -11.28
CA ILE A 24 4.30 6.50 -11.08
C ILE A 24 2.86 6.12 -10.83
N ALA A 25 2.37 5.15 -11.60
CA ALA A 25 1.03 4.59 -11.40
C ALA A 25 1.12 3.08 -11.24
N VAL A 26 0.28 2.54 -10.35
CA VAL A 26 0.19 1.11 -10.12
C VAL A 26 -1.26 0.66 -10.14
N GLY A 27 -1.50 -0.55 -10.65
CA GLY A 27 -2.85 -1.09 -10.65
C GLY A 27 -2.93 -2.32 -9.76
N TYR A 28 -4.02 -2.43 -9.01
CA TYR A 28 -4.27 -3.56 -8.12
C TYR A 28 -5.65 -4.17 -8.34
N VAL A 29 -5.73 -5.49 -8.22
CA VAL A 29 -6.99 -6.18 -7.99
C VAL A 29 -6.90 -6.70 -6.55
N ASP A 30 -7.81 -6.24 -5.69
CA ASP A 30 -7.74 -6.52 -4.26
C ASP A 30 -6.34 -6.15 -3.76
N ASP A 31 -5.64 -7.09 -3.16
CA ASP A 31 -4.29 -6.83 -2.65
C ASP A 31 -3.18 -7.38 -3.55
N THR A 32 -3.52 -7.62 -4.81
CA THR A 32 -2.55 -8.10 -5.80
C THR A 32 -2.27 -7.06 -6.88
N GLN A 33 -1.03 -6.61 -6.96
CA GLN A 33 -0.67 -5.63 -7.98
C GLN A 33 -0.62 -6.33 -9.33
N PHE A 34 -1.02 -5.64 -10.40
CA PHE A 34 -0.96 -6.25 -11.73
C PHE A 34 -0.31 -5.42 -12.84
N VAL A 35 -0.22 -4.09 -12.67
CA VAL A 35 0.48 -3.25 -13.66
C VAL A 35 1.24 -2.12 -12.99
N ARG A 36 2.17 -1.51 -13.74
CA ARG A 36 2.85 -0.28 -13.33
C ARG A 36 3.15 0.58 -14.55
N PHE A 37 3.28 1.88 -14.31
CA PHE A 37 3.88 2.79 -15.27
C PHE A 37 4.77 3.76 -14.51
N ASP A 38 5.99 3.94 -15.02
CA ASP A 38 6.94 4.87 -14.39
C ASP A 38 7.47 5.79 -15.48
N SER A 39 7.17 7.09 -15.36
CA SER A 39 7.61 8.08 -16.36
C SER A 39 9.13 8.16 -16.51
N ASP A 40 9.87 7.76 -15.47
CA ASP A 40 11.33 7.77 -15.50
C ASP A 40 11.93 6.51 -16.15
N ALA A 41 11.11 5.46 -16.27
CA ALA A 41 11.60 4.19 -16.82
C ALA A 41 11.85 4.26 -18.33
N ALA A 42 12.65 3.32 -18.84
CA ALA A 42 13.07 3.33 -20.23
C ALA A 42 11.96 2.91 -21.20
N SER A 43 11.13 1.96 -20.78
CA SER A 43 10.13 1.36 -21.67
C SER A 43 9.09 2.36 -22.17
N GLN A 44 8.68 3.29 -21.31
CA GLN A 44 7.59 4.22 -21.60
C GLN A 44 6.29 3.48 -21.95
N ARG A 45 6.11 2.31 -21.34
CA ARG A 45 4.92 1.48 -21.54
C ARG A 45 4.31 1.11 -20.21
N MET A 46 3.00 0.89 -20.19
CA MET A 46 2.38 0.18 -19.07
C MET A 46 3.01 -1.21 -19.06
N GLU A 47 3.41 -1.68 -17.89
CA GLU A 47 4.14 -2.95 -17.75
C GLU A 47 3.39 -3.96 -16.88
N PRO A 48 3.46 -5.26 -17.23
CA PRO A 48 2.83 -6.29 -16.43
C PRO A 48 3.55 -6.52 -15.10
N ARG A 49 2.78 -6.81 -14.05
CA ARG A 49 3.33 -7.06 -12.71
C ARG A 49 2.66 -8.26 -12.04
N ALA A 50 1.88 -9.01 -12.82
CA ALA A 50 1.23 -10.25 -12.37
C ALA A 50 1.22 -11.24 -13.53
N PRO A 51 1.37 -12.54 -13.26
CA PRO A 51 1.41 -13.56 -14.33
C PRO A 51 0.15 -13.57 -15.21
N TRP A 52 -1.00 -13.29 -14.61
CA TRP A 52 -2.28 -13.42 -15.32
C TRP A 52 -2.62 -12.24 -16.22
N ILE A 53 -1.85 -11.16 -16.14
CA ILE A 53 -2.07 -10.02 -17.04
C ILE A 53 -1.25 -10.16 -18.33
N GLU A 54 -0.25 -11.04 -18.31
CA GLU A 54 0.61 -11.24 -19.47
C GLU A 54 -0.14 -11.77 -20.70
N GLN A 55 -1.29 -12.40 -20.45
CA GLN A 55 -2.16 -12.96 -21.51
C GLN A 55 -2.72 -11.88 -22.42
N GLU A 56 -2.89 -10.67 -21.87
CA GLU A 56 -3.45 -9.55 -22.62
C GLU A 56 -2.61 -9.25 -23.84
N GLY A 57 -3.28 -9.05 -24.98
CA GLY A 57 -2.61 -8.83 -26.27
C GLY A 57 -2.04 -7.44 -26.48
N PRO A 58 -1.40 -7.20 -27.63
CA PRO A 58 -0.78 -5.91 -27.98
C PRO A 58 -1.74 -4.71 -27.90
N GLU A 59 -3.00 -4.92 -28.27
CA GLU A 59 -4.00 -3.83 -28.25
C GLU A 59 -4.20 -3.31 -26.82
N TYR A 60 -4.24 -4.22 -25.86
CA TYR A 60 -4.37 -3.87 -24.45
C TYR A 60 -3.21 -2.97 -24.01
N TRP A 61 -1.98 -3.42 -24.24
CA TRP A 61 -0.78 -2.66 -23.86
C TRP A 61 -0.68 -1.31 -24.54
N ASP A 62 -1.07 -1.27 -25.82
CA ASP A 62 -1.17 0.00 -26.55
C ASP A 62 -2.18 0.96 -25.91
N GLU A 63 -3.40 0.47 -25.72
CA GLU A 63 -4.50 1.28 -25.15
C GLU A 63 -4.19 1.76 -23.73
N GLU A 64 -3.75 0.83 -22.88
CA GLU A 64 -3.48 1.18 -21.48
C GLU A 64 -2.31 2.15 -21.36
N THR A 65 -1.28 1.96 -22.18
CA THR A 65 -0.13 2.87 -22.22
C THR A 65 -0.59 4.27 -22.60
N GLY A 66 -1.42 4.35 -23.64
CA GLY A 66 -1.96 5.65 -24.07
C GLY A 66 -2.68 6.36 -22.95
N LYS A 67 -3.53 5.62 -22.24
CA LYS A 67 -4.35 6.22 -21.17
C LYS A 67 -3.50 6.70 -19.99
N VAL A 68 -2.55 5.88 -19.57
CA VAL A 68 -1.70 6.23 -18.41
C VAL A 68 -0.74 7.38 -18.76
N LYS A 69 -0.20 7.37 -19.98
CA LYS A 69 0.62 8.49 -20.44
C LYS A 69 -0.17 9.80 -20.47
N ALA A 70 -1.41 9.74 -20.96
CA ALA A 70 -2.30 10.92 -20.95
C ALA A 70 -2.47 11.47 -19.54
N HIS A 71 -2.73 10.57 -18.58
CA HIS A 71 -2.87 10.93 -17.17
C HIS A 71 -1.61 11.59 -16.66
N SER A 72 -0.45 11.01 -16.95
CA SER A 72 0.83 11.57 -16.49
C SER A 72 0.99 13.03 -16.94
N GLN A 73 0.61 13.32 -18.18
CA GLN A 73 0.73 14.68 -18.69
C GLN A 73 -0.28 15.63 -18.04
N THR A 74 -1.50 15.15 -17.80
CA THR A 74 -2.53 15.96 -17.15
C THR A 74 -2.11 16.35 -15.72
N ASP A 75 -1.53 15.41 -14.98
CA ASP A 75 -1.13 15.70 -13.61
C ASP A 75 0.11 16.60 -13.53
N ARG A 76 0.95 16.53 -14.57
CA ARG A 76 2.04 17.47 -14.71
C ARG A 76 1.47 18.89 -14.80
N GLU A 77 0.46 19.06 -15.63
CA GLU A 77 -0.26 20.34 -15.77
C GLU A 77 -0.98 20.73 -14.47
N ASN A 78 -1.60 19.75 -13.81
CA ASN A 78 -2.28 20.00 -12.55
C ASN A 78 -1.36 20.51 -11.45
N LEU A 79 -0.15 19.94 -11.38
CA LEU A 79 0.86 20.44 -10.44
C LEU A 79 1.16 21.92 -10.67
N ARG A 80 1.30 22.32 -11.94
CA ARG A 80 1.56 23.72 -12.24
C ARG A 80 0.36 24.59 -11.87
N ILE A 81 -0.83 24.09 -12.14
CA ILE A 81 -2.07 24.81 -11.82
C ILE A 81 -2.21 25.02 -10.31
N ALA A 82 -1.95 23.97 -9.54
CA ALA A 82 -2.05 24.08 -8.07
C ALA A 82 -1.05 25.09 -7.50
N LEU A 83 0.19 25.08 -8.02
CA LEU A 83 1.20 26.06 -7.60
C LEU A 83 0.67 27.48 -7.75
N ARG A 84 0.03 27.75 -8.89
CA ARG A 84 -0.60 29.05 -9.14
C ARG A 84 -1.79 29.34 -8.21
N TYR A 85 -2.71 28.37 -8.08
CA TYR A 85 -3.86 28.52 -7.18
C TYR A 85 -3.44 28.93 -5.76
N TYR A 86 -2.38 28.30 -5.24
CA TYR A 86 -1.94 28.53 -3.86
C TYR A 86 -0.85 29.58 -3.73
N ASN A 87 -0.33 30.06 -4.87
CA ASN A 87 0.81 31.00 -4.89
C ASN A 87 2.03 30.45 -4.13
N GLN A 88 2.35 29.18 -4.38
CA GLN A 88 3.49 28.53 -3.76
C GLN A 88 4.75 28.78 -4.58
N SER A 89 5.89 28.75 -3.90
CA SER A 89 7.17 28.92 -4.56
C SER A 89 7.49 27.75 -5.50
N GLU A 90 8.05 28.08 -6.67
CA GLU A 90 8.47 27.07 -7.64
C GLU A 90 9.72 26.33 -7.18
N ALA A 91 10.33 26.79 -6.08
CA ALA A 91 11.51 26.16 -5.51
C ALA A 91 11.19 24.88 -4.76
N GLY A 92 9.96 24.77 -4.23
CA GLY A 92 9.57 23.62 -3.41
C GLY A 92 8.96 22.48 -4.19
N SER A 93 9.26 21.25 -3.79
CA SER A 93 8.67 20.05 -4.38
C SER A 93 7.25 19.85 -3.85
N HIS A 94 6.36 19.40 -4.73
CA HIS A 94 4.98 19.10 -4.35
C HIS A 94 4.52 17.78 -4.91
N THR A 95 3.49 17.21 -4.29
CA THR A 95 3.01 15.87 -4.62
C THR A 95 1.54 15.92 -5.00
N LEU A 96 1.18 15.22 -6.07
CA LEU A 96 -0.23 15.06 -6.45
C LEU A 96 -0.52 13.59 -6.59
N GLN A 97 -1.48 13.13 -5.80
CA GLN A 97 -1.85 11.72 -5.81
C GLN A 97 -3.27 11.56 -6.30
N MET A 98 -3.51 10.48 -7.04
CA MET A 98 -4.86 10.16 -7.49
C MET A 98 -5.14 8.69 -7.22
N MET A 99 -6.37 8.40 -6.84
CA MET A 99 -6.88 7.05 -6.77
C MET A 99 -8.21 6.98 -7.50
N PHE A 100 -8.39 5.92 -8.28
CA PHE A 100 -9.67 5.63 -8.89
C PHE A 100 -9.86 4.13 -9.00
N GLY A 101 -11.12 3.72 -9.13
CA GLY A 101 -11.42 2.30 -9.35
C GLY A 101 -12.81 1.96 -8.87
N CYS A 102 -13.10 0.66 -8.82
CA CYS A 102 -14.45 0.20 -8.53
C CYS A 102 -14.44 -1.04 -7.64
N ASP A 103 -15.56 -1.26 -6.94
CA ASP A 103 -15.81 -2.48 -6.20
C ASP A 103 -16.96 -3.24 -6.84
N VAL A 104 -16.87 -4.57 -6.86
CA VAL A 104 -18.01 -5.43 -7.23
C VAL A 104 -18.40 -6.32 -6.06
N GLY A 105 -19.68 -6.72 -6.02
CA GLY A 105 -20.17 -7.66 -5.02
C GLY A 105 -19.84 -9.10 -5.37
N SER A 106 -20.27 -10.02 -4.51
CA SER A 106 -19.97 -11.45 -4.68
C SER A 106 -20.55 -12.04 -5.95
N ASP A 107 -21.50 -11.32 -6.56
CA ASP A 107 -22.13 -11.70 -7.82
C ASP A 107 -21.48 -11.03 -9.03
N GLY A 108 -20.54 -10.12 -8.77
CA GLY A 108 -19.87 -9.37 -9.82
C GLY A 108 -20.57 -8.09 -10.25
N ARG A 109 -21.62 -7.72 -9.52
CA ARG A 109 -22.35 -6.46 -9.81
C ARG A 109 -21.61 -5.27 -9.25
N PHE A 110 -21.63 -4.15 -9.98
CA PHE A 110 -21.09 -2.89 -9.50
C PHE A 110 -21.61 -2.60 -8.10
N LEU A 111 -20.69 -2.18 -7.22
CA LEU A 111 -21.01 -1.87 -5.84
C LEU A 111 -20.69 -0.42 -5.50
N ARG A 112 -19.47 0.01 -5.81
CA ARG A 112 -19.01 1.37 -5.51
C ARG A 112 -17.95 1.84 -6.49
N GLY A 113 -17.83 3.16 -6.67
CA GLY A 113 -16.80 3.74 -7.53
C GLY A 113 -16.06 4.87 -6.82
N TYR A 114 -14.83 5.13 -7.24
CA TYR A 114 -14.00 6.17 -6.63
C TYR A 114 -13.23 6.93 -7.71
N HIS A 115 -12.99 8.21 -7.45
CA HIS A 115 -12.21 9.07 -8.35
C HIS A 115 -11.81 10.25 -7.51
N GLN A 116 -10.58 10.24 -6.99
CA GLN A 116 -10.17 11.25 -6.01
C GLN A 116 -8.70 11.63 -6.05
N TYR A 117 -8.42 12.87 -5.66
CA TYR A 117 -7.09 13.46 -5.69
C TYR A 117 -6.69 13.96 -4.31
N ALA A 118 -5.38 13.89 -4.03
CA ALA A 118 -4.82 14.56 -2.86
C ALA A 118 -3.60 15.38 -3.27
N TYR A 119 -3.52 16.60 -2.71
CA TYR A 119 -2.38 17.48 -2.99
C TYR A 119 -1.57 17.67 -1.71
N ASP A 120 -0.26 17.39 -1.81
CA ASP A 120 0.66 17.39 -0.65
C ASP A 120 0.10 16.59 0.53
N GLY A 121 -0.49 15.44 0.22
CA GLY A 121 -0.95 14.50 1.24
C GLY A 121 -2.29 14.79 1.88
N LYS A 122 -2.98 15.84 1.42
CA LYS A 122 -4.31 16.18 1.92
C LYS A 122 -5.36 16.11 0.81
N ASP A 123 -6.56 15.66 1.15
CA ASP A 123 -7.68 15.59 0.19
C ASP A 123 -7.81 16.90 -0.59
N TYR A 124 -7.92 16.78 -1.90
CA TYR A 124 -8.13 17.95 -2.77
C TYR A 124 -9.57 17.98 -3.29
N ILE A 125 -9.91 17.01 -4.12
CA ILE A 125 -11.26 16.86 -4.65
C ILE A 125 -11.56 15.36 -4.76
N ALA A 126 -12.81 14.99 -4.51
CA ALA A 126 -13.21 13.59 -4.59
C ALA A 126 -14.62 13.47 -5.13
N LEU A 127 -14.84 12.49 -5.99
CA LEU A 127 -16.18 12.12 -6.43
C LEU A 127 -16.93 11.48 -5.26
N LYS A 128 -18.11 12.00 -4.96
CA LYS A 128 -18.92 11.49 -3.86
C LYS A 128 -19.44 10.09 -4.18
N GLU A 129 -19.89 9.37 -3.15
CA GLU A 129 -20.35 7.99 -3.35
C GLU A 129 -21.46 7.89 -4.40
N ASP A 130 -22.28 8.91 -4.52
CA ASP A 130 -23.41 8.87 -5.47
C ASP A 130 -22.98 9.02 -6.94
N LEU A 131 -21.69 9.28 -7.14
CA LEU A 131 -21.07 9.43 -8.48
C LEU A 131 -21.70 10.56 -9.29
N ARG A 132 -22.28 11.52 -8.60
CA ARG A 132 -23.00 12.62 -9.25
C ARG A 132 -22.46 13.98 -8.84
N SER A 133 -21.74 14.05 -7.72
CA SER A 133 -21.25 15.32 -7.18
C SER A 133 -19.83 15.21 -6.62
N TRP A 134 -19.23 16.36 -6.33
CA TRP A 134 -17.84 16.45 -5.88
C TRP A 134 -17.72 17.03 -4.49
N THR A 135 -16.74 16.54 -3.73
CA THR A 135 -16.33 17.17 -2.48
C THR A 135 -15.04 17.93 -2.69
N ALA A 136 -15.08 19.25 -2.46
CA ALA A 136 -13.91 20.10 -2.60
C ALA A 136 -13.40 20.55 -1.24
N ALA A 137 -12.11 20.35 -1.00
CA ALA A 137 -11.50 20.55 0.31
C ALA A 137 -11.35 22.01 0.71
N ASP A 138 -11.02 22.87 -0.26
CA ASP A 138 -10.76 24.28 0.00
C ASP A 138 -11.20 25.13 -1.18
N MET A 139 -10.89 26.42 -1.13
CA MET A 139 -11.28 27.36 -2.19
C MET A 139 -10.64 27.06 -3.56
N ALA A 140 -9.40 26.57 -3.55
CA ALA A 140 -8.73 26.17 -4.80
C ALA A 140 -9.47 25.02 -5.48
N ALA A 141 -9.77 23.99 -4.70
CA ALA A 141 -10.52 22.83 -5.19
C ALA A 141 -11.95 23.18 -5.63
N GLN A 142 -12.53 24.23 -5.03
CA GLN A 142 -13.84 24.74 -5.44
C GLN A 142 -13.80 25.29 -6.86
N ILE A 143 -12.69 25.90 -7.26
CA ILE A 143 -12.48 26.36 -8.63
C ILE A 143 -12.49 25.13 -9.55
N THR A 144 -11.73 24.11 -9.17
CA THR A 144 -11.69 22.87 -9.94
C THR A 144 -13.07 22.21 -10.04
N LYS A 145 -13.79 22.18 -8.92
CA LYS A 145 -15.15 21.63 -8.88
C LYS A 145 -16.05 22.31 -9.91
N ARG A 146 -16.03 23.65 -9.95
CA ARG A 146 -16.86 24.39 -10.90
C ARG A 146 -16.51 24.02 -12.35
N LYS A 147 -15.21 23.90 -12.65
CA LYS A 147 -14.75 23.50 -13.97
C LYS A 147 -15.27 22.11 -14.33
N TRP A 148 -15.17 21.18 -13.39
CA TRP A 148 -15.56 19.79 -13.65
C TRP A 148 -17.04 19.60 -13.79
N GLU A 149 -17.81 20.40 -13.06
CA GLU A 149 -19.26 20.43 -13.22
C GLU A 149 -19.64 20.90 -14.61
N ALA A 150 -19.03 22.01 -15.06
CA ALA A 150 -19.27 22.54 -16.39
C ALA A 150 -18.92 21.53 -17.47
N ALA A 151 -17.85 20.77 -17.25
CA ALA A 151 -17.36 19.81 -18.22
C ALA A 151 -18.00 18.42 -18.09
N HIS A 152 -18.90 18.26 -17.11
CA HIS A 152 -19.60 16.99 -16.86
C HIS A 152 -18.67 15.82 -16.64
N VAL A 153 -17.62 16.05 -15.86
CA VAL A 153 -16.65 15.01 -15.51
C VAL A 153 -17.30 13.87 -14.72
N ALA A 154 -18.22 14.22 -13.81
CA ALA A 154 -18.90 13.21 -13.00
C ALA A 154 -19.59 12.15 -13.87
N GLU A 155 -20.33 12.60 -14.88
CA GLU A 155 -21.03 11.65 -15.77
C GLU A 155 -20.04 10.79 -16.56
N GLN A 156 -18.97 11.41 -17.06
CA GLN A 156 -17.95 10.66 -17.81
C GLN A 156 -17.29 9.61 -16.94
N GLN A 157 -16.92 9.99 -15.72
CA GLN A 157 -16.26 9.03 -14.83
C GLN A 157 -17.23 7.95 -14.33
N ARG A 158 -18.47 8.34 -14.08
CA ARG A 158 -19.49 7.35 -13.67
C ARG A 158 -19.65 6.27 -14.75
N ALA A 159 -19.65 6.69 -16.00
CA ALA A 159 -19.76 5.77 -17.12
C ALA A 159 -18.60 4.79 -17.15
N TYR A 160 -17.40 5.29 -16.88
CA TYR A 160 -16.22 4.42 -16.79
C TYR A 160 -16.36 3.45 -15.62
N LEU A 161 -16.68 3.99 -14.45
CA LEU A 161 -16.69 3.22 -13.21
C LEU A 161 -17.72 2.09 -13.23
N GLU A 162 -18.89 2.38 -13.79
CA GLU A 162 -19.95 1.37 -13.86
C GLU A 162 -19.80 0.44 -15.05
N GLY A 163 -19.02 0.87 -16.04
CA GLY A 163 -18.90 0.12 -17.28
C GLY A 163 -17.57 -0.59 -17.42
N THR A 164 -16.61 0.07 -18.05
CA THR A 164 -15.30 -0.49 -18.34
C THR A 164 -14.57 -0.99 -17.09
N CYS A 165 -14.66 -0.23 -16.01
CA CYS A 165 -13.98 -0.59 -14.76
C CYS A 165 -14.46 -1.96 -14.28
N VAL A 166 -15.78 -2.12 -14.21
CA VAL A 166 -16.40 -3.37 -13.76
C VAL A 166 -16.08 -4.51 -14.72
N ASP A 167 -16.14 -4.23 -16.03
CA ASP A 167 -15.85 -5.27 -17.03
C ASP A 167 -14.41 -5.76 -16.93
N GLY A 168 -13.47 -4.83 -16.78
CA GLY A 168 -12.07 -5.16 -16.60
C GLY A 168 -11.84 -6.01 -15.35
N LEU A 169 -12.37 -5.53 -14.22
CA LEU A 169 -12.25 -6.26 -12.96
C LEU A 169 -12.78 -7.71 -13.09
N ARG A 170 -13.95 -7.86 -13.72
CA ARG A 170 -14.52 -9.20 -13.91
C ARG A 170 -13.61 -10.06 -14.77
N ARG A 171 -13.05 -9.49 -15.82
CA ARG A 171 -12.17 -10.23 -16.72
C ARG A 171 -10.91 -10.71 -16.00
N TYR A 172 -10.33 -9.83 -15.18
CA TYR A 172 -9.11 -10.14 -14.44
C TYR A 172 -9.38 -11.22 -13.40
N LEU A 173 -10.54 -11.12 -12.75
CA LEU A 173 -10.94 -12.09 -11.75
C LEU A 173 -11.05 -13.49 -12.35
N GLU A 174 -11.53 -13.57 -13.60
CA GLU A 174 -11.60 -14.87 -14.29
C GLU A 174 -10.23 -15.37 -14.76
N ASN A 175 -9.47 -14.51 -15.43
CA ASN A 175 -8.15 -14.89 -15.96
C ASN A 175 -7.14 -15.23 -14.86
N GLY A 176 -7.24 -14.54 -13.74
CA GLY A 176 -6.36 -14.79 -12.59
C GLY A 176 -7.05 -15.46 -11.43
N LYS A 177 -8.07 -16.26 -11.71
CA LYS A 177 -8.91 -16.85 -10.66
C LYS A 177 -8.13 -17.66 -9.60
N GLU A 178 -7.11 -18.39 -10.03
CA GLU A 178 -6.26 -19.17 -9.13
C GLU A 178 -5.59 -18.31 -8.05
N THR A 179 -5.14 -17.12 -8.45
CA THR A 179 -4.47 -16.19 -7.54
C THR A 179 -5.46 -15.27 -6.82
N LEU A 180 -6.45 -14.77 -7.56
CA LEU A 180 -7.31 -13.71 -7.07
C LEU A 180 -8.51 -14.19 -6.24
N GLN A 181 -9.13 -15.30 -6.66
CA GLN A 181 -10.29 -15.84 -5.97
C GLN A 181 -9.83 -16.93 -5.01
N ARG A 182 -8.99 -16.52 -4.08
CA ARG A 182 -8.44 -17.43 -3.10
C ARG A 182 -8.46 -16.76 -1.74
N THR A 183 -8.58 -17.59 -0.73
CA THR A 183 -8.44 -17.14 0.64
C THR A 183 -7.39 -18.04 1.29
N ASP A 184 -6.34 -17.40 1.78
CA ASP A 184 -5.33 -18.11 2.56
C ASP A 184 -5.56 -17.71 4.00
N PRO A 185 -5.97 -18.66 4.84
CA PRO A 185 -6.25 -18.30 6.23
C PRO A 185 -4.95 -18.04 6.97
N PRO A 186 -4.99 -17.22 8.04
CA PRO A 186 -3.77 -16.98 8.78
C PRO A 186 -3.35 -18.23 9.56
N LYS A 187 -2.05 -18.51 9.52
CA LYS A 187 -1.45 -19.46 10.45
C LYS A 187 -1.07 -18.65 11.66
N THR A 188 -1.52 -19.10 12.83
CA THR A 188 -1.37 -18.29 14.03
C THR A 188 -0.50 -18.97 15.05
N HIS A 189 0.16 -18.16 15.85
CA HIS A 189 0.91 -18.69 16.96
C HIS A 189 1.26 -17.59 17.90
N MET A 190 1.89 -17.98 19.00
CA MET A 190 2.16 -17.10 20.09
C MET A 190 3.60 -17.31 20.54
N THR A 191 4.29 -16.21 20.80
CA THR A 191 5.65 -16.26 21.32
C THR A 191 5.75 -15.48 22.63
N HIS A 192 6.73 -15.85 23.44
CA HIS A 192 6.91 -15.28 24.77
C HIS A 192 8.33 -14.80 24.91
N HIS A 193 8.48 -13.53 25.29
CA HIS A 193 9.81 -12.92 25.40
C HIS A 193 9.96 -12.18 26.71
N PRO A 194 10.76 -12.75 27.64
CA PRO A 194 11.03 -12.06 28.90
C PRO A 194 11.77 -10.75 28.65
N ILE A 195 11.36 -9.70 29.37
CA ILE A 195 12.08 -8.41 29.30
C ILE A 195 12.76 -8.07 30.62
N SER A 196 12.13 -8.47 31.73
CA SER A 196 12.75 -8.49 33.06
C SER A 196 12.12 -9.62 33.87
N ASP A 197 12.54 -9.80 35.12
CA ASP A 197 11.90 -10.80 35.99
C ASP A 197 10.54 -10.32 36.50
N HIS A 198 10.12 -9.12 36.07
CA HIS A 198 8.84 -8.56 36.45
C HIS A 198 7.87 -8.53 35.30
N GLU A 199 8.38 -8.56 34.07
CA GLU A 199 7.54 -8.44 32.88
C GLU A 199 8.02 -9.31 31.71
N ALA A 200 7.08 -9.65 30.82
CA ALA A 200 7.39 -10.34 29.57
C ALA A 200 6.42 -9.96 28.46
N THR A 201 6.87 -10.05 27.22
CA THR A 201 6.03 -9.81 26.05
C THR A 201 5.37 -11.08 25.54
N LEU A 202 4.04 -11.04 25.42
CA LEU A 202 3.29 -12.06 24.66
C LEU A 202 2.94 -11.50 23.29
N ARG A 203 3.45 -12.17 22.26
CA ARG A 203 3.19 -11.74 20.89
C ARG A 203 2.35 -12.77 20.14
N CYS A 204 1.27 -12.29 19.55
CA CYS A 204 0.36 -13.12 18.75
C CYS A 204 0.57 -12.82 17.27
N TRP A 205 0.84 -13.88 16.50
CA TRP A 205 1.18 -13.75 15.09
C TRP A 205 0.11 -14.27 14.18
N ALA A 206 -0.05 -13.62 13.05
CA ALA A 206 -0.81 -14.18 11.92
C ALA A 206 0.08 -14.14 10.70
N LEU A 207 0.25 -15.29 10.05
CA LEU A 207 1.19 -15.41 8.96
C LEU A 207 0.54 -16.11 7.77
N GLY A 208 1.01 -15.78 6.58
CA GLY A 208 0.58 -16.44 5.35
C GLY A 208 -0.86 -16.22 4.93
N PHE A 209 -1.44 -15.09 5.29
CA PHE A 209 -2.85 -14.84 4.98
C PHE A 209 -3.08 -13.97 3.75
N TYR A 210 -4.23 -14.19 3.13
CA TYR A 210 -4.69 -13.42 1.98
C TYR A 210 -6.22 -13.49 1.92
N PRO A 211 -6.91 -12.35 1.70
CA PRO A 211 -6.40 -10.99 1.49
C PRO A 211 -5.83 -10.34 2.75
N ALA A 212 -5.37 -9.09 2.61
CA ALA A 212 -4.63 -8.44 3.68
C ALA A 212 -5.48 -8.07 4.88
N GLU A 213 -6.76 -7.81 4.66
CA GLU A 213 -7.68 -7.40 5.73
C GLU A 213 -7.69 -8.42 6.86
N ILE A 214 -7.45 -7.95 8.08
CA ILE A 214 -7.40 -8.82 9.25
C ILE A 214 -7.65 -8.02 10.53
N THR A 215 -8.22 -8.68 11.53
CA THR A 215 -8.35 -8.08 12.86
C THR A 215 -7.62 -8.95 13.89
N LEU A 216 -6.66 -8.34 14.58
CA LEU A 216 -5.85 -8.99 15.60
C LEU A 216 -5.89 -8.14 16.85
N THR A 217 -6.46 -8.69 17.92
CA THR A 217 -6.59 -7.95 19.18
C THR A 217 -6.25 -8.82 20.38
N TRP A 218 -5.81 -8.16 21.46
CA TRP A 218 -5.58 -8.83 22.75
C TRP A 218 -6.62 -8.39 23.73
N GLN A 219 -7.08 -9.34 24.55
CA GLN A 219 -7.95 -9.04 25.69
C GLN A 219 -7.33 -9.53 26.98
N ARG A 220 -7.57 -8.78 28.06
CA ARG A 220 -7.19 -9.18 29.42
C ARG A 220 -8.47 -9.37 30.23
N ASP A 221 -8.66 -10.59 30.76
CA ASP A 221 -9.91 -10.94 31.46
C ASP A 221 -11.14 -10.70 30.60
N GLY A 222 -10.96 -10.82 29.28
CA GLY A 222 -12.04 -10.57 28.32
C GLY A 222 -12.34 -9.10 28.08
N GLU A 223 -11.41 -8.22 28.47
CA GLU A 223 -11.61 -6.77 28.34
C GLU A 223 -10.68 -6.15 27.30
N ASP A 224 -11.14 -5.05 26.70
CA ASP A 224 -10.40 -4.31 25.67
C ASP A 224 -8.99 -3.89 26.12
N GLN A 225 -8.02 -4.08 25.23
CA GLN A 225 -6.63 -3.71 25.50
C GLN A 225 -6.03 -2.84 24.39
N THR A 226 -6.90 -2.24 23.57
CA THR A 226 -6.46 -1.47 22.39
C THR A 226 -5.37 -0.44 22.69
N GLN A 227 -5.47 0.23 23.83
CA GLN A 227 -4.52 1.28 24.20
C GLN A 227 -3.21 0.73 24.77
N ASP A 228 -3.21 -0.56 25.12
CA ASP A 228 -2.04 -1.23 25.71
C ASP A 228 -1.49 -2.36 24.84
N THR A 229 -1.83 -2.35 23.56
CA THR A 229 -1.33 -3.36 22.65
C THR A 229 -0.50 -2.73 21.54
N GLU A 230 0.68 -3.29 21.31
CA GLU A 230 1.50 -2.87 20.19
C GLU A 230 1.04 -3.64 18.97
N LEU A 231 0.51 -2.92 17.98
CA LEU A 231 -0.02 -3.55 16.78
C LEU A 231 0.75 -3.03 15.58
N VAL A 232 1.52 -3.89 14.91
CA VAL A 232 2.27 -3.43 13.75
C VAL A 232 1.40 -3.40 12.49
N GLU A 233 1.82 -2.60 11.52
CA GLU A 233 1.07 -2.48 10.29
C GLU A 233 1.15 -3.81 9.55
N THR A 234 0.05 -4.20 8.91
CA THR A 234 0.03 -5.42 8.11
C THR A 234 1.07 -5.29 7.01
N ARG A 235 1.88 -6.33 6.82
CA ARG A 235 3.04 -6.27 5.94
C ARG A 235 3.05 -7.43 4.94
N PRO A 236 3.55 -7.19 3.72
CA PRO A 236 3.64 -8.27 2.74
C PRO A 236 4.81 -9.20 3.03
N ALA A 237 4.59 -10.50 2.85
CA ALA A 237 5.65 -11.47 2.98
C ALA A 237 6.55 -11.46 1.73
N GLY A 238 5.98 -11.07 0.61
CA GLY A 238 6.68 -11.02 -0.68
C GLY A 238 6.23 -12.13 -1.61
N ASP A 239 5.46 -13.08 -1.10
CA ASP A 239 4.99 -14.24 -1.87
C ASP A 239 3.49 -14.18 -2.17
N GLY A 240 2.88 -13.01 -1.99
CA GLY A 240 1.45 -12.84 -2.22
C GLY A 240 0.61 -13.02 -0.96
N THR A 241 1.27 -13.21 0.17
CA THR A 241 0.59 -13.33 1.46
C THR A 241 1.03 -12.21 2.40
N PHE A 242 0.34 -12.10 3.53
CA PHE A 242 0.59 -11.00 4.44
C PHE A 242 0.87 -11.48 5.85
N GLN A 243 1.40 -10.58 6.67
CA GLN A 243 1.78 -10.90 8.04
C GLN A 243 1.38 -9.74 8.95
N LYS A 244 1.16 -10.07 10.22
CA LYS A 244 0.85 -9.06 11.24
C LYS A 244 1.08 -9.65 12.61
N TRP A 245 1.46 -8.82 13.57
CA TRP A 245 1.45 -9.25 14.97
C TRP A 245 0.94 -8.19 15.91
N ALA A 246 0.53 -8.65 17.08
CA ALA A 246 -0.01 -7.83 18.14
C ALA A 246 0.63 -8.28 19.44
N ALA A 247 1.13 -7.34 20.22
CA ALA A 247 1.83 -7.69 21.46
C ALA A 247 1.31 -6.94 22.67
N VAL A 248 1.39 -7.60 23.82
CA VAL A 248 1.09 -6.98 25.11
C VAL A 248 2.23 -7.27 26.08
N VAL A 249 2.45 -6.34 27.00
CA VAL A 249 3.40 -6.53 28.08
C VAL A 249 2.65 -7.14 29.26
N VAL A 250 3.13 -8.30 29.68
CA VAL A 250 2.45 -9.11 30.68
C VAL A 250 3.25 -9.09 31.99
N PRO A 251 2.61 -8.75 33.12
CA PRO A 251 3.31 -8.86 34.40
C PRO A 251 3.62 -10.32 34.72
N SER A 252 4.76 -10.58 35.34
CA SER A 252 5.19 -11.95 35.64
C SER A 252 4.08 -12.78 36.27
N GLY A 253 3.81 -13.95 35.68
CA GLY A 253 2.81 -14.87 36.21
C GLY A 253 1.36 -14.55 35.85
N GLU A 254 1.16 -13.54 35.00
CA GLU A 254 -0.19 -13.15 34.59
C GLU A 254 -0.55 -13.58 33.17
N GLU A 255 0.31 -14.38 32.54
CA GLU A 255 0.11 -14.82 31.15
C GLU A 255 -1.30 -15.32 30.86
N GLN A 256 -1.88 -16.04 31.82
CA GLN A 256 -3.14 -16.75 31.59
C GLN A 256 -4.40 -15.87 31.59
N ARG A 257 -4.25 -14.58 31.94
CA ARG A 257 -5.34 -13.62 31.89
C ARG A 257 -5.60 -13.09 30.47
N TYR A 258 -4.70 -13.41 29.54
CA TYR A 258 -4.73 -12.82 28.21
C TYR A 258 -5.21 -13.79 27.14
N THR A 259 -5.97 -13.26 26.19
CA THR A 259 -6.42 -14.02 25.02
C THR A 259 -6.23 -13.21 23.75
N CYS A 260 -5.71 -13.86 22.70
CA CYS A 260 -5.55 -13.22 21.40
C CYS A 260 -6.71 -13.60 20.48
N HIS A 261 -7.26 -12.61 19.79
CA HIS A 261 -8.43 -12.81 18.94
C HIS A 261 -8.14 -12.48 17.51
N VAL A 262 -8.50 -13.39 16.60
CA VAL A 262 -8.20 -13.24 15.18
C VAL A 262 -9.45 -13.41 14.33
N GLN A 263 -9.71 -12.42 13.48
CA GLN A 263 -10.79 -12.44 12.51
C GLN A 263 -10.23 -12.25 11.11
N HIS A 264 -10.59 -13.16 10.21
CA HIS A 264 -10.16 -13.10 8.80
C HIS A 264 -11.15 -13.83 7.93
N GLU A 265 -11.27 -13.39 6.67
CA GLU A 265 -12.18 -13.98 5.69
C GLU A 265 -11.99 -15.48 5.54
N GLY A 266 -10.75 -15.94 5.76
CA GLY A 266 -10.40 -17.36 5.64
C GLY A 266 -10.74 -18.18 6.85
N LEU A 267 -11.19 -17.53 7.92
CA LEU A 267 -11.56 -18.25 9.14
C LEU A 267 -13.08 -18.32 9.27
N PRO A 268 -13.66 -19.53 9.19
CA PRO A 268 -15.11 -19.68 9.30
C PRO A 268 -15.65 -19.10 10.61
N LYS A 269 -14.87 -19.24 11.69
CA LYS A 269 -15.19 -18.62 12.97
C LYS A 269 -13.97 -17.87 13.46
N PRO A 270 -14.18 -16.76 14.20
CA PRO A 270 -13.06 -16.03 14.78
C PRO A 270 -12.27 -16.93 15.73
N LEU A 271 -10.96 -16.73 15.80
CA LEU A 271 -10.11 -17.56 16.65
C LEU A 271 -9.88 -16.91 18.00
N THR A 272 -9.79 -17.75 19.03
CA THR A 272 -9.36 -17.31 20.35
C THR A 272 -8.13 -18.13 20.71
N LEU A 273 -7.02 -17.46 20.99
CA LEU A 273 -5.78 -18.13 21.36
C LEU A 273 -5.34 -17.78 22.77
N ARG A 274 -4.83 -18.78 23.48
CA ARG A 274 -4.39 -18.64 24.87
C ARG A 274 -2.98 -19.23 25.01
N TRP A 275 -2.17 -18.58 25.84
CA TRP A 275 -0.80 -19.06 26.10
C TRP A 275 -0.84 -20.36 26.88
N MET B 1 0.90 21.45 2.91
CA MET B 1 2.10 20.58 3.06
C MET B 1 1.99 19.78 4.36
N ILE B 2 2.41 18.51 4.33
CA ILE B 2 2.41 17.64 5.52
C ILE B 2 3.68 16.77 5.60
N GLN B 3 3.90 16.17 6.77
CA GLN B 3 5.01 15.23 7.01
C GLN B 3 4.54 14.07 7.89
N ARG B 4 4.87 12.85 7.49
CA ARG B 4 4.55 11.67 8.28
C ARG B 4 5.77 10.74 8.34
N THR B 5 6.15 10.32 9.55
CA THR B 5 7.30 9.43 9.76
C THR B 5 7.04 8.01 9.28
N PRO B 6 8.00 7.39 8.57
CA PRO B 6 7.82 5.97 8.20
C PRO B 6 7.80 5.04 9.41
N LYS B 7 6.95 4.03 9.33
CA LYS B 7 6.95 2.93 10.27
C LYS B 7 7.79 1.85 9.60
N ILE B 8 8.81 1.39 10.31
CA ILE B 8 9.84 0.51 9.72
C ILE B 8 9.77 -0.90 10.31
N GLN B 9 9.74 -1.90 9.44
CA GLN B 9 9.80 -3.28 9.91
C GLN B 9 10.82 -4.05 9.07
N VAL B 10 11.72 -4.77 9.75
CA VAL B 10 12.64 -5.69 9.07
C VAL B 10 12.34 -7.10 9.54
N TYR B 11 12.21 -8.04 8.59
CA TYR B 11 11.69 -9.37 8.87
C TYR B 11 11.94 -10.32 7.72
N SER B 12 11.90 -11.61 7.99
CA SER B 12 12.05 -12.63 6.94
C SER B 12 10.69 -13.09 6.41
N ARG B 13 10.68 -13.57 5.16
CA ARG B 13 9.44 -14.03 4.55
C ARG B 13 8.89 -15.24 5.29
N HIS B 14 9.77 -16.21 5.54
CA HIS B 14 9.45 -17.42 6.27
C HIS B 14 10.18 -17.41 7.57
N PRO B 15 9.66 -18.15 8.58
CA PRO B 15 10.38 -18.24 9.85
C PRO B 15 11.81 -18.70 9.59
N ALA B 16 12.77 -17.96 10.12
CA ALA B 16 14.18 -18.21 9.86
C ALA B 16 14.61 -19.63 10.25
N GLU B 17 15.31 -20.29 9.33
CA GLU B 17 15.95 -21.57 9.58
C GLU B 17 17.38 -21.49 9.08
N ASN B 18 18.35 -21.62 9.98
CA ASN B 18 19.77 -21.55 9.61
C ASN B 18 20.11 -22.51 8.48
N GLY B 19 20.72 -21.96 7.43
CA GLY B 19 21.11 -22.76 6.26
C GLY B 19 20.05 -22.90 5.19
N LYS B 20 18.83 -22.43 5.48
CA LYS B 20 17.74 -22.49 4.51
C LYS B 20 17.51 -21.16 3.82
N SER B 21 17.52 -21.19 2.48
CA SER B 21 17.20 -20.02 1.65
C SER B 21 15.88 -19.35 2.03
N ASN B 22 15.87 -18.01 2.05
CA ASN B 22 14.76 -17.23 2.55
C ASN B 22 14.80 -15.86 1.86
N PHE B 23 13.91 -14.95 2.27
CA PHE B 23 13.94 -13.57 1.80
C PHE B 23 13.97 -12.64 3.00
N LEU B 24 14.82 -11.63 2.94
CA LEU B 24 14.91 -10.59 3.96
C LEU B 24 14.18 -9.35 3.45
N ASN B 25 13.21 -8.89 4.25
CA ASN B 25 12.33 -7.78 3.88
C ASN B 25 12.52 -6.58 4.80
N CYS B 26 12.46 -5.38 4.22
CA CYS B 26 12.25 -4.17 5.00
C CYS B 26 11.02 -3.48 4.42
N TYR B 27 9.99 -3.35 5.26
CA TYR B 27 8.74 -2.70 4.86
C TYR B 27 8.64 -1.35 5.54
N VAL B 28 8.56 -0.31 4.73
CA VAL B 28 8.36 1.06 5.26
C VAL B 28 6.98 1.52 4.84
N SER B 29 6.22 2.07 5.79
CA SER B 29 4.83 2.43 5.53
C SER B 29 4.42 3.68 6.30
N GLY B 30 3.27 4.24 5.92
CA GLY B 30 2.73 5.41 6.62
C GLY B 30 3.51 6.70 6.49
N PHE B 31 4.37 6.81 5.46
CA PHE B 31 5.20 8.01 5.33
C PHE B 31 4.75 9.00 4.27
N HIS B 32 5.24 10.24 4.41
CA HIS B 32 4.95 11.34 3.49
C HIS B 32 5.91 12.46 3.80
N PRO B 33 6.55 13.06 2.77
CA PRO B 33 6.46 12.78 1.33
C PRO B 33 7.12 11.46 0.91
N SER B 34 7.12 11.18 -0.39
CA SER B 34 7.48 9.86 -0.92
C SER B 34 8.96 9.53 -1.00
N ASP B 35 9.84 10.54 -1.08
CA ASP B 35 11.28 10.29 -1.11
C ASP B 35 11.70 9.56 0.16
N ILE B 36 12.33 8.40 -0.01
CA ILE B 36 12.83 7.64 1.12
C ILE B 36 14.03 6.81 0.67
N GLU B 37 14.93 6.50 1.60
CA GLU B 37 16.12 5.74 1.28
C GLU B 37 16.20 4.54 2.21
N VAL B 38 16.35 3.35 1.63
CA VAL B 38 16.43 2.14 2.43
C VAL B 38 17.62 1.29 1.99
N ASP B 39 18.41 0.85 2.96
CA ASP B 39 19.44 -0.16 2.72
C ASP B 39 19.16 -1.37 3.59
N LEU B 40 19.44 -2.54 3.06
CA LEU B 40 19.53 -3.74 3.89
C LEU B 40 21.00 -4.00 4.18
N LEU B 41 21.29 -4.39 5.43
CA LEU B 41 22.66 -4.57 5.89
C LEU B 41 22.94 -6.00 6.33
N LYS B 42 24.13 -6.49 5.97
CA LYS B 42 24.66 -7.75 6.47
C LYS B 42 25.94 -7.45 7.23
N ASN B 43 25.93 -7.73 8.52
CA ASN B 43 27.04 -7.43 9.41
C ASN B 43 27.57 -6.01 9.25
N GLY B 44 26.62 -5.06 9.20
CA GLY B 44 26.94 -3.63 9.12
C GLY B 44 27.21 -3.09 7.73
N GLU B 45 27.25 -3.96 6.72
CA GLU B 45 27.60 -3.55 5.37
C GLU B 45 26.42 -3.64 4.40
N ARG B 46 26.35 -2.69 3.46
CA ARG B 46 25.28 -2.63 2.47
C ARG B 46 25.22 -3.90 1.62
N ILE B 47 24.03 -4.50 1.54
CA ILE B 47 23.77 -5.61 0.62
C ILE B 47 23.51 -5.02 -0.76
N GLU B 48 24.12 -5.61 -1.79
CA GLU B 48 24.10 -5.03 -3.12
C GLU B 48 22.86 -5.35 -3.94
N LYS B 49 22.40 -6.60 -3.87
CA LYS B 49 21.26 -7.03 -4.69
C LYS B 49 19.94 -6.84 -3.93
N VAL B 50 19.51 -5.60 -3.82
CA VAL B 50 18.22 -5.31 -3.15
C VAL B 50 17.24 -4.70 -4.14
N GLU B 51 16.08 -5.33 -4.27
CA GLU B 51 14.99 -4.81 -5.09
C GLU B 51 13.92 -4.16 -4.22
N HIS B 52 12.99 -3.46 -4.85
CA HIS B 52 11.88 -2.83 -4.13
C HIS B 52 10.64 -2.85 -4.96
N SER B 53 9.49 -2.75 -4.28
CA SER B 53 8.21 -2.72 -4.95
C SER B 53 7.98 -1.34 -5.59
N ASP B 54 7.00 -1.27 -6.48
CA ASP B 54 6.54 -0.01 -7.08
C ASP B 54 5.82 0.87 -6.05
N LEU B 55 6.12 2.17 -6.06
CA LEU B 55 5.52 3.11 -5.11
C LEU B 55 4.00 3.04 -5.14
N SER B 56 3.41 2.80 -3.98
CA SER B 56 1.96 2.82 -3.85
C SER B 56 1.61 3.49 -2.54
N PHE B 57 0.32 3.57 -2.24
CA PHE B 57 -0.12 4.25 -1.03
C PHE B 57 -1.43 3.71 -0.48
N SER B 58 -1.70 4.03 0.78
CA SER B 58 -2.86 3.53 1.49
C SER B 58 -4.03 4.50 1.36
N LYS B 59 -5.15 4.17 2.00
CA LYS B 59 -6.36 4.98 1.90
C LYS B 59 -6.16 6.38 2.46
N ASP B 60 -5.26 6.53 3.42
CA ASP B 60 -4.97 7.85 4.00
C ASP B 60 -3.93 8.67 3.22
N TRP B 61 -3.55 8.17 2.04
CA TRP B 61 -2.57 8.82 1.14
C TRP B 61 -1.11 8.59 1.51
N SER B 62 -0.85 7.93 2.64
CA SER B 62 0.53 7.62 3.05
C SER B 62 1.13 6.49 2.23
N PHE B 63 2.42 6.61 1.95
CA PHE B 63 3.11 5.72 1.02
C PHE B 63 3.59 4.47 1.72
N TYR B 64 3.81 3.41 0.95
CA TYR B 64 4.45 2.21 1.46
C TYR B 64 5.34 1.60 0.38
N LEU B 65 6.41 0.96 0.82
CA LEU B 65 7.37 0.30 -0.05
C LEU B 65 7.93 -0.92 0.65
N LEU B 66 8.17 -1.97 -0.14
CA LEU B 66 8.83 -3.17 0.33
C LEU B 66 10.18 -3.30 -0.36
N TYR B 67 11.25 -3.41 0.44
CA TYR B 67 12.60 -3.69 -0.05
C TYR B 67 12.95 -5.13 0.33
N TYR B 68 13.53 -5.89 -0.58
CA TYR B 68 13.78 -7.30 -0.32
C TYR B 68 15.00 -7.88 -1.02
N THR B 69 15.56 -8.93 -0.41
CA THR B 69 16.67 -9.66 -1.00
C THR B 69 16.63 -11.11 -0.55
N GLU B 70 17.08 -12.01 -1.41
CA GLU B 70 17.26 -13.42 -1.05
C GLU B 70 18.40 -13.52 -0.07
N PHE B 71 18.23 -14.33 0.97
CA PHE B 71 19.31 -14.56 1.93
C PHE B 71 19.20 -15.93 2.59
N THR B 72 20.34 -16.45 3.00
CA THR B 72 20.40 -17.68 3.75
C THR B 72 20.93 -17.30 5.13
N PRO B 73 20.03 -17.21 6.12
CA PRO B 73 20.44 -16.84 7.48
C PRO B 73 21.31 -17.92 8.11
N THR B 74 22.19 -17.51 9.02
CA THR B 74 23.03 -18.41 9.80
C THR B 74 22.91 -18.03 11.27
N GLU B 75 23.56 -18.80 12.14
CA GLU B 75 23.53 -18.53 13.57
C GLU B 75 24.11 -17.15 13.91
N LYS B 76 25.25 -16.82 13.31
CA LYS B 76 26.04 -15.65 13.71
C LYS B 76 25.79 -14.37 12.89
N ASP B 77 25.41 -14.52 11.62
CA ASP B 77 25.22 -13.37 10.74
C ASP B 77 24.15 -12.40 11.26
N GLU B 78 24.49 -11.12 11.25
CA GLU B 78 23.60 -10.07 11.72
C GLU B 78 23.05 -9.29 10.54
N TYR B 79 21.74 -9.04 10.56
CA TYR B 79 21.08 -8.29 9.51
C TYR B 79 20.31 -7.10 10.06
N ALA B 80 20.14 -6.08 9.23
CA ALA B 80 19.40 -4.87 9.64
C ALA B 80 18.89 -4.15 8.39
N CYS B 81 17.95 -3.23 8.56
CA CYS B 81 17.70 -2.23 7.53
C CYS B 81 18.02 -0.83 8.06
N ARG B 82 18.44 0.05 7.15
CA ARG B 82 18.77 1.43 7.51
C ARG B 82 17.92 2.34 6.66
N VAL B 83 17.23 3.26 7.31
CA VAL B 83 16.21 4.07 6.64
C VAL B 83 16.46 5.55 6.89
N ASN B 84 16.41 6.34 5.82
CA ASN B 84 16.40 7.79 5.94
C ASN B 84 15.20 8.38 5.23
N HIS B 85 14.69 9.47 5.79
CA HIS B 85 13.50 10.16 5.30
C HIS B 85 13.63 11.54 5.88
N VAL B 86 13.00 12.53 5.25
CA VAL B 86 13.07 13.91 5.75
C VAL B 86 12.65 14.06 7.22
N THR B 87 11.71 13.23 7.68
CA THR B 87 11.20 13.30 9.06
C THR B 87 12.17 12.73 10.11
N LEU B 88 13.19 12.02 9.66
CA LEU B 88 14.18 11.44 10.57
C LEU B 88 15.42 12.35 10.71
N SER B 89 15.82 12.60 11.96
CA SER B 89 16.97 13.46 12.25
C SER B 89 18.25 12.91 11.62
N GLN B 90 18.37 11.58 11.65
CA GLN B 90 19.49 10.87 11.04
C GLN B 90 18.99 9.50 10.58
N PRO B 91 19.79 8.78 9.77
CA PRO B 91 19.38 7.45 9.35
C PRO B 91 19.08 6.56 10.55
N LYS B 92 17.97 5.81 10.49
CA LYS B 92 17.57 4.93 11.57
C LYS B 92 17.88 3.49 11.19
N ILE B 93 18.64 2.81 12.04
CA ILE B 93 18.99 1.39 11.84
C ILE B 93 18.09 0.52 12.73
N VAL B 94 17.39 -0.42 12.09
CA VAL B 94 16.58 -1.39 12.81
C VAL B 94 17.15 -2.79 12.55
N LYS B 95 17.57 -3.45 13.63
CA LYS B 95 18.18 -4.78 13.55
C LYS B 95 17.11 -5.84 13.32
N TRP B 96 17.42 -6.81 12.45
CA TRP B 96 16.56 -7.98 12.30
C TRP B 96 16.60 -8.83 13.53
N ASP B 97 15.42 -9.05 14.11
CA ASP B 97 15.24 -9.96 15.24
C ASP B 97 14.33 -11.06 14.72
N ARG B 98 14.84 -12.28 14.65
CA ARG B 98 14.08 -13.38 14.05
C ARG B 98 12.79 -13.71 14.81
N ASP B 99 12.47 -12.89 15.81
CA ASP B 99 11.25 -12.99 16.60
C ASP B 99 10.48 -11.66 16.63
N MET B 100 10.98 -10.68 15.87
CA MET B 100 10.48 -9.29 15.83
C MET B 100 10.74 -8.52 17.13
N ASN C 1 -8.49 -2.03 -16.29
CA ASN C 1 -8.51 -1.02 -17.37
C ASN C 1 -8.46 0.38 -16.81
N TYR C 2 -7.53 1.17 -17.32
CA TYR C 2 -7.32 2.54 -16.88
C TYR C 2 -8.49 3.43 -17.30
N THR C 3 -8.69 4.51 -16.55
CA THR C 3 -9.69 5.50 -16.93
C THR C 3 -9.33 6.16 -18.27
N PRO C 4 -10.34 6.40 -19.12
CA PRO C 4 -10.09 6.99 -20.43
C PRO C 4 -9.83 8.49 -20.35
N GLY C 5 -9.18 9.02 -21.37
CA GLY C 5 -8.98 10.46 -21.49
C GLY C 5 -10.17 11.12 -22.18
N PRO C 6 -10.17 12.45 -22.25
CA PRO C 6 -9.07 13.27 -21.75
C PRO C 6 -9.38 13.80 -20.37
N GLY C 7 -8.33 14.00 -19.57
CA GLY C 7 -8.48 14.56 -18.25
C GLY C 7 -8.77 16.03 -18.38
N ILE C 8 -9.79 16.50 -17.65
CA ILE C 8 -10.04 17.93 -17.53
C ILE C 8 -9.15 18.44 -16.41
N ARG C 9 -8.34 19.46 -16.71
CA ARG C 9 -7.35 19.96 -15.75
C ARG C 9 -8.00 20.69 -14.56
N PHE C 10 -7.19 20.92 -13.53
CA PHE C 10 -7.62 21.60 -12.30
C PHE C 10 -8.02 23.04 -12.57
#